data_6B7D
#
_entry.id   6B7D
#
_cell.length_a   134.990
_cell.length_b   134.990
_cell.length_c   134.990
_cell.angle_alpha   90.000
_cell.angle_beta   90.000
_cell.angle_gamma   90.000
#
_symmetry.space_group_name_H-M   'I 2 3'
#
loop_
_entity.id
_entity.type
_entity.pdbx_description
1 polymer 'Phosphopantetheine adenylyltransferase'
2 non-polymer 3-(4-chlorophenyl)-6-methoxy-4,5-dimethylpyridazine
3 non-polymer 'SULFATE ION'
4 non-polymer 'DIMETHYL SULFOXIDE'
5 non-polymer 'POTASSIUM ION'
6 water water
#
_entity_poly.entity_id   1
_entity_poly.type   'polypeptide(L)'
_entity_poly.pdbx_seq_one_letter_code
;MQKRAIYPGTFDPITNGHIDIVTRATQMFDHVILAIAASPSKKPMFTLEERVALAQQATAHLGNVEVVGFSDLMANFARN
QHATVLIRGLRAVADFEYEMQLAHMNRHLMPELESVFLMPSKEWSFISSSLVKEVARHQGDVTHFLPENVHQALMAKLAV
DHHHHHH
;
_entity_poly.pdbx_strand_id   A,B
#
loop_
_chem_comp.id
_chem_comp.type
_chem_comp.name
_chem_comp.formula
CWG non-polymer 3-(4-chlorophenyl)-6-methoxy-4,5-dimethylpyridazine 'C13 H13 Cl N2 O'
DMS non-polymer 'DIMETHYL SULFOXIDE' 'C2 H6 O S'
K non-polymer 'POTASSIUM ION' 'K 1'
SO4 non-polymer 'SULFATE ION' 'O4 S -2'
#
# COMPACT_ATOMS: atom_id res chain seq x y z
N MET A 1 -2.97 -15.26 -10.43
CA MET A 1 -3.12 -14.04 -11.22
C MET A 1 -1.78 -13.52 -11.71
N GLN A 2 -1.77 -12.99 -12.93
CA GLN A 2 -0.59 -12.38 -13.55
C GLN A 2 -0.83 -10.87 -13.65
N LYS A 3 -0.50 -10.17 -12.57
CA LYS A 3 -0.84 -8.76 -12.42
C LYS A 3 0.13 -7.86 -13.17
N ARG A 4 -0.42 -6.83 -13.80
CA ARG A 4 0.36 -5.78 -14.44
C ARG A 4 0.19 -4.54 -13.58
N ALA A 5 1.32 -3.99 -13.12
CA ALA A 5 1.31 -2.82 -12.26
C ALA A 5 2.03 -1.68 -12.96
N ILE A 6 1.61 -0.46 -12.65
CA ILE A 6 2.24 0.74 -13.17
C ILE A 6 2.76 1.56 -11.99
N TYR A 7 3.97 2.08 -12.15
CA TYR A 7 4.64 2.91 -11.14
C TYR A 7 4.95 4.25 -11.82
N PRO A 8 4.02 5.20 -11.79
CA PRO A 8 4.20 6.46 -12.51
C PRO A 8 4.86 7.54 -11.66
N GLY A 9 5.49 8.47 -12.36
CA GLY A 9 6.15 9.60 -11.73
C GLY A 9 6.91 10.39 -12.76
N THR A 10 7.49 11.49 -12.31
CA THR A 10 8.34 12.28 -13.19
C THR A 10 9.77 11.81 -13.19
N PHE A 11 10.24 11.23 -12.08
CA PHE A 11 11.56 10.63 -11.96
C PHE A 11 12.63 11.56 -12.52
N ASP A 12 12.74 12.73 -11.91
CA ASP A 12 13.58 13.82 -12.42
C ASP A 12 14.54 14.28 -11.32
N PRO A 13 15.63 13.53 -11.09
CA PRO A 13 15.93 12.22 -11.68
C PRO A 13 15.44 11.09 -10.80
N ILE A 14 15.61 9.86 -11.28
CA ILE A 14 15.27 8.70 -10.48
C ILE A 14 16.28 8.58 -9.35
N THR A 15 15.80 8.35 -8.14
CA THR A 15 16.64 8.28 -6.96
C THR A 15 16.65 6.86 -6.41
N ASN A 16 17.52 6.65 -5.41
CA ASN A 16 17.56 5.35 -4.75
C ASN A 16 16.24 5.04 -4.06
N GLY A 17 15.47 6.07 -3.70
CA GLY A 17 14.14 5.82 -3.16
C GLY A 17 13.22 5.20 -4.20
N HIS A 18 13.25 5.72 -5.43
CA HIS A 18 12.45 5.12 -6.50
C HIS A 18 12.90 3.70 -6.79
N ILE A 19 14.22 3.45 -6.80
CA ILE A 19 14.73 2.11 -7.04
C ILE A 19 14.23 1.16 -5.97
N ASP A 20 14.23 1.62 -4.72
CA ASP A 20 13.72 0.83 -3.61
CA ASP A 20 13.73 0.81 -3.63
C ASP A 20 12.27 0.43 -3.86
N ILE A 21 11.42 1.42 -4.18
CA ILE A 21 9.99 1.16 -4.36
C ILE A 21 9.77 0.19 -5.52
N VAL A 22 10.39 0.46 -6.67
CA VAL A 22 10.14 -0.38 -7.85
C VAL A 22 10.66 -1.79 -7.62
N THR A 23 11.77 -1.92 -6.88
CA THR A 23 12.28 -3.25 -6.55
C THR A 23 11.26 -4.01 -5.73
N ARG A 24 10.69 -3.38 -4.70
CA ARG A 24 9.62 -4.00 -3.92
C ARG A 24 8.45 -4.40 -4.80
N ALA A 25 8.05 -3.51 -5.72
CA ALA A 25 6.94 -3.81 -6.62
C ALA A 25 7.22 -5.04 -7.47
N THR A 26 8.45 -5.18 -7.96
CA THR A 26 8.77 -6.32 -8.82
C THR A 26 8.78 -7.63 -8.06
N GLN A 27 8.93 -7.58 -6.74
CA GLN A 27 8.86 -8.79 -5.95
C GLN A 27 7.44 -9.19 -5.63
N MET A 28 6.48 -8.33 -5.97
CA MET A 28 5.07 -8.49 -5.66
C MET A 28 4.21 -8.77 -6.87
N PHE A 29 4.54 -8.20 -8.02
CA PHE A 29 3.71 -8.27 -9.21
C PHE A 29 4.52 -8.79 -10.40
N ASP A 30 3.83 -9.45 -11.31
CA ASP A 30 4.52 -10.15 -12.40
CA ASP A 30 4.50 -10.15 -12.41
C ASP A 30 5.17 -9.17 -13.37
N HIS A 31 4.53 -8.04 -13.64
CA HIS A 31 5.10 -7.06 -14.55
C HIS A 31 4.88 -5.66 -14.01
N VAL A 32 5.94 -4.86 -13.97
CA VAL A 32 5.88 -3.51 -13.45
C VAL A 32 6.30 -2.56 -14.57
N ILE A 33 5.42 -1.64 -14.92
CA ILE A 33 5.73 -0.58 -15.87
C ILE A 33 6.17 0.64 -15.07
N LEU A 34 7.45 1.01 -15.22
CA LEU A 34 7.94 2.26 -14.65
CA LEU A 34 7.96 2.26 -14.66
C LEU A 34 7.61 3.36 -15.65
N ALA A 35 6.57 4.13 -15.36
CA ALA A 35 6.00 5.09 -16.30
C ALA A 35 6.50 6.50 -16.00
N ILE A 36 7.21 7.09 -16.95
CA ILE A 36 7.83 8.40 -16.77
C ILE A 36 6.96 9.46 -17.43
N ALA A 37 6.50 10.40 -16.62
CA ALA A 37 5.63 11.46 -17.13
C ALA A 37 6.41 12.44 -17.99
N ALA A 38 5.87 12.71 -19.19
CA ALA A 38 6.48 13.69 -20.09
C ALA A 38 6.51 15.09 -19.52
N SER A 39 5.50 15.47 -18.75
CA SER A 39 5.47 16.85 -18.27
C SER A 39 6.07 16.99 -16.87
N PRO A 40 6.50 18.21 -16.53
CA PRO A 40 7.11 18.84 -15.34
C PRO A 40 8.33 18.10 -14.80
N PRO A 44 12.28 20.98 -14.11
CA PRO A 44 12.38 19.89 -15.09
C PRO A 44 13.81 19.61 -15.56
N MET A 45 14.66 19.15 -14.64
CA MET A 45 16.11 19.18 -14.86
C MET A 45 16.51 18.35 -16.07
N PHE A 46 16.00 17.13 -16.17
CA PHE A 46 16.33 16.25 -17.27
C PHE A 46 15.15 16.18 -18.24
N THR A 47 15.47 16.08 -19.52
CA THR A 47 14.45 15.89 -20.53
C THR A 47 13.81 14.52 -20.34
N LEU A 48 12.67 14.32 -21.00
CA LEU A 48 12.01 13.02 -20.94
C LEU A 48 12.92 11.92 -21.45
N GLU A 49 13.64 12.18 -22.55
CA GLU A 49 14.54 11.15 -23.09
C GLU A 49 15.70 10.89 -22.14
N GLU A 50 16.19 11.93 -21.46
CA GLU A 50 17.21 11.72 -20.44
C GLU A 50 16.67 10.90 -19.27
N ARG A 51 15.45 11.21 -18.84
CA ARG A 51 14.90 10.53 -17.66
C ARG A 51 14.60 9.07 -17.95
N VAL A 52 14.14 8.78 -19.18
CA VAL A 52 13.89 7.40 -19.56
C VAL A 52 15.19 6.60 -19.60
N ALA A 53 16.23 7.16 -20.23
CA ALA A 53 17.50 6.44 -20.34
C ALA A 53 18.11 6.17 -18.97
N LEU A 54 18.08 7.16 -18.07
CA LEU A 54 18.65 6.97 -16.75
C LEU A 54 17.88 5.91 -15.97
N ALA A 55 16.55 5.89 -16.09
CA ALA A 55 15.75 4.91 -15.37
C ALA A 55 15.92 3.51 -15.95
N GLN A 56 16.06 3.40 -17.27
CA GLN A 56 16.28 2.09 -17.88
C GLN A 56 17.60 1.49 -17.40
N GLN A 57 18.66 2.31 -17.42
CA GLN A 57 19.97 1.85 -16.96
C GLN A 57 19.93 1.47 -15.48
N ALA A 58 19.26 2.28 -14.66
CA ALA A 58 19.21 2.03 -13.22
C ALA A 58 18.32 0.84 -12.84
N THR A 59 17.43 0.40 -13.72
CA THR A 59 16.57 -0.75 -13.46
C THR A 59 16.88 -1.93 -14.37
N ALA A 60 17.96 -1.85 -15.16
CA ALA A 60 18.28 -2.93 -16.10
C ALA A 60 18.39 -4.29 -15.42
N HIS A 61 18.80 -4.32 -14.15
CA HIS A 61 18.95 -5.58 -13.42
C HIS A 61 17.63 -6.19 -13.00
N LEU A 62 16.51 -5.48 -13.15
CA LEU A 62 15.20 -5.99 -12.75
C LEU A 62 14.49 -6.50 -14.00
N GLY A 63 14.29 -7.81 -14.07
CA GLY A 63 13.88 -8.43 -15.32
C GLY A 63 12.44 -8.17 -15.71
N ASN A 64 11.57 -7.84 -14.75
CA ASN A 64 10.17 -7.62 -15.04
C ASN A 64 9.78 -6.15 -14.92
N VAL A 65 10.72 -5.25 -15.16
CA VAL A 65 10.46 -3.81 -15.23
C VAL A 65 10.54 -3.36 -16.68
N GLU A 66 9.56 -2.57 -17.09
CA GLU A 66 9.51 -1.94 -18.40
C GLU A 66 9.42 -0.42 -18.19
N VAL A 67 10.42 0.31 -18.70
CA VAL A 67 10.43 1.76 -18.58
C VAL A 67 9.82 2.36 -19.84
N VAL A 68 8.77 3.17 -19.67
CA VAL A 68 8.02 3.77 -20.77
CA VAL A 68 8.08 3.80 -20.79
C VAL A 68 7.70 5.22 -20.41
N GLY A 69 7.75 6.11 -21.40
CA GLY A 69 7.27 7.45 -21.22
C GLY A 69 5.79 7.55 -21.56
N PHE A 70 5.12 8.53 -20.97
CA PHE A 70 3.71 8.75 -21.27
C PHE A 70 3.40 10.22 -21.07
N SER A 71 2.41 10.72 -21.82
CA SER A 71 1.99 12.11 -21.74
C SER A 71 0.52 12.30 -21.40
N ASP A 72 -0.30 11.26 -21.42
CA ASP A 72 -1.71 11.37 -21.08
C ASP A 72 -1.87 11.45 -19.56
N LEU A 73 -3.10 11.75 -19.14
CA LEU A 73 -3.50 11.51 -17.77
C LEU A 73 -3.05 10.11 -17.36
N MET A 74 -2.43 10.00 -16.18
CA MET A 74 -1.90 8.72 -15.72
C MET A 74 -2.92 7.61 -15.84
N ALA A 75 -4.15 7.87 -15.36
CA ALA A 75 -5.19 6.86 -15.42
C ALA A 75 -5.51 6.46 -16.86
N ASN A 76 -5.46 7.42 -17.78
CA ASN A 76 -5.70 7.08 -19.19
C ASN A 76 -4.61 6.14 -19.71
N PHE A 77 -3.35 6.41 -19.36
CA PHE A 77 -2.27 5.52 -19.77
C PHE A 77 -2.36 4.17 -19.08
N ALA A 78 -2.69 4.16 -17.79
CA ALA A 78 -2.84 2.88 -17.08
C ALA A 78 -3.93 2.03 -17.70
N ARG A 79 -5.07 2.63 -18.03
CA ARG A 79 -6.15 1.90 -18.69
C ARG A 79 -5.68 1.26 -19.99
N ASN A 80 -5.00 2.03 -20.85
CA ASN A 80 -4.59 1.45 -22.12
CA ASN A 80 -4.51 1.54 -22.13
C ASN A 80 -3.47 0.44 -21.98
N GLN A 81 -2.72 0.45 -20.88
CA GLN A 81 -1.68 -0.53 -20.64
C GLN A 81 -2.23 -1.76 -19.94
N HIS A 82 -3.53 -1.81 -19.69
CA HIS A 82 -4.16 -2.93 -18.97
C HIS A 82 -3.51 -3.17 -17.62
N ALA A 83 -3.17 -2.08 -16.92
CA ALA A 83 -2.69 -2.19 -15.57
C ALA A 83 -3.88 -2.25 -14.63
N THR A 84 -3.78 -3.07 -13.59
CA THR A 84 -4.80 -3.14 -12.56
C THR A 84 -4.27 -2.75 -11.19
N VAL A 85 -2.98 -2.43 -11.10
CA VAL A 85 -2.35 -2.02 -9.86
C VAL A 85 -1.57 -0.74 -10.12
N LEU A 86 -1.74 0.25 -9.24
CA LEU A 86 -1.06 1.53 -9.32
C LEU A 86 -0.15 1.65 -8.11
N ILE A 87 1.16 1.62 -8.36
CA ILE A 87 2.14 1.67 -7.28
C ILE A 87 2.35 3.13 -6.87
N ARG A 88 2.22 3.39 -5.57
CA ARG A 88 2.59 4.69 -5.02
C ARG A 88 3.55 4.47 -3.86
N GLY A 89 4.59 5.30 -3.80
CA GLY A 89 5.54 5.25 -2.71
C GLY A 89 5.08 6.21 -1.62
N LEU A 90 5.14 5.75 -0.37
CA LEU A 90 4.67 6.50 0.80
C LEU A 90 5.84 6.85 1.71
N ARG A 91 6.19 8.15 1.75
CA ARG A 91 7.31 8.57 2.58
C ARG A 91 6.84 9.09 3.94
N ALA A 92 6.11 10.21 3.96
CA ALA A 92 5.74 10.86 5.21
C ALA A 92 4.26 11.25 5.20
N VAL A 93 3.81 11.78 6.35
CA VAL A 93 2.43 12.23 6.54
C VAL A 93 2.06 13.29 5.51
N ALA A 94 3.00 14.18 5.19
CA ALA A 94 2.68 15.33 4.35
C ALA A 94 2.20 14.88 2.98
N ASP A 95 2.81 13.83 2.42
CA ASP A 95 2.40 13.36 1.11
C ASP A 95 1.06 12.64 1.18
N PHE A 96 0.76 12.04 2.33
CA PHE A 96 -0.41 11.18 2.51
C PHE A 96 -1.73 11.88 2.14
N GLU A 97 -1.92 13.14 2.53
CA GLU A 97 -3.18 13.82 2.20
C GLU A 97 -3.36 13.95 0.69
N TYR A 98 -2.32 14.39 -0.02
CA TYR A 98 -2.39 14.45 -1.47
C TYR A 98 -2.57 13.05 -2.06
N GLU A 99 -1.89 12.05 -1.49
CA GLU A 99 -2.04 10.68 -1.99
C GLU A 99 -3.49 10.21 -1.87
N MET A 100 -4.16 10.58 -0.78
CA MET A 100 -5.57 10.21 -0.61
C MET A 100 -6.44 10.89 -1.67
N GLN A 101 -6.26 12.20 -1.84
CA GLN A 101 -6.90 12.94 -2.93
C GLN A 101 -6.70 12.24 -4.27
N LEU A 102 -5.43 12.00 -4.61
CA LEU A 102 -5.09 11.45 -5.91
C LEU A 102 -5.69 10.06 -6.10
N ALA A 103 -5.65 9.23 -5.06
CA ALA A 103 -6.13 7.86 -5.20
C ALA A 103 -7.66 7.82 -5.33
N HIS A 104 -8.37 8.68 -4.60
CA HIS A 104 -9.82 8.72 -4.77
C HIS A 104 -10.19 9.26 -6.14
N MET A 105 -9.42 10.24 -6.66
CA MET A 105 -9.65 10.69 -8.02
C MET A 105 -9.35 9.59 -9.03
N ASN A 106 -8.21 8.91 -8.87
CA ASN A 106 -7.87 7.83 -9.79
C ASN A 106 -8.89 6.71 -9.73
N ARG A 107 -9.47 6.44 -8.56
CA ARG A 107 -10.51 5.42 -8.47
C ARG A 107 -11.77 5.85 -9.18
N HIS A 108 -12.09 7.14 -9.14
CA HIS A 108 -13.20 7.67 -9.93
C HIS A 108 -12.94 7.52 -11.42
N LEU A 109 -11.72 7.83 -11.86
CA LEU A 109 -11.39 7.80 -13.28
C LEU A 109 -11.28 6.38 -13.82
N MET A 110 -10.78 5.45 -13.01
CA MET A 110 -10.53 4.08 -13.45
C MET A 110 -10.69 3.17 -12.25
N PRO A 111 -11.92 2.74 -11.96
CA PRO A 111 -12.14 1.94 -10.74
C PRO A 111 -11.44 0.59 -10.76
N GLU A 112 -11.12 0.05 -11.93
CA GLU A 112 -10.43 -1.24 -12.01
CA GLU A 112 -10.43 -1.23 -12.02
C GLU A 112 -8.93 -1.11 -11.77
N LEU A 113 -8.43 0.09 -11.47
CA LEU A 113 -7.04 0.30 -11.13
C LEU A 113 -6.95 0.53 -9.63
N GLU A 114 -6.30 -0.39 -8.92
CA GLU A 114 -6.22 -0.35 -7.46
C GLU A 114 -4.91 0.30 -7.04
N SER A 115 -5.01 1.37 -6.27
CA SER A 115 -3.82 2.04 -5.73
C SER A 115 -3.24 1.21 -4.59
N VAL A 116 -1.94 0.96 -4.67
CA VAL A 116 -1.23 0.28 -3.58
CA VAL A 116 -1.18 0.24 -3.64
C VAL A 116 -0.08 1.15 -3.14
N PHE A 117 0.05 1.29 -1.83
CA PHE A 117 1.06 2.15 -1.25
C PHE A 117 2.16 1.30 -0.63
N LEU A 118 3.39 1.50 -1.11
CA LEU A 118 4.57 0.81 -0.64
C LEU A 118 5.41 1.77 0.19
N MET A 119 6.16 1.19 1.12
CA MET A 119 6.94 1.94 2.08
CA MET A 119 6.94 1.97 2.07
C MET A 119 8.42 1.80 1.76
N PRO A 120 9.15 2.88 1.52
CA PRO A 120 10.58 2.74 1.27
C PRO A 120 11.31 2.40 2.55
N SER A 121 12.58 2.03 2.39
CA SER A 121 13.41 1.78 3.55
C SER A 121 13.62 3.09 4.32
N LYS A 122 13.95 2.95 5.60
CA LYS A 122 14.23 4.13 6.41
C LYS A 122 15.29 5.01 5.77
N GLU A 123 16.23 4.38 5.05
CA GLU A 123 17.32 5.11 4.40
C GLU A 123 16.82 6.19 3.45
N TRP A 124 15.71 5.94 2.75
CA TRP A 124 15.21 6.87 1.74
C TRP A 124 13.91 7.54 2.14
N SER A 125 13.50 7.42 3.40
CA SER A 125 12.19 7.92 3.83
C SER A 125 12.15 9.44 4.02
N PHE A 126 13.26 10.14 3.82
CA PHE A 126 13.31 11.58 4.07
C PHE A 126 13.89 12.35 2.89
N ILE A 127 13.96 11.73 1.72
CA ILE A 127 14.48 12.38 0.53
C ILE A 127 13.39 12.48 -0.53
N SER A 128 13.68 13.23 -1.58
CA SER A 128 12.79 13.45 -2.71
C SER A 128 13.65 13.94 -3.86
N SER A 129 13.17 13.75 -5.09
CA SER A 129 13.86 14.29 -6.25
C SER A 129 14.06 15.79 -6.10
N SER A 130 13.04 16.50 -5.58
CA SER A 130 13.12 17.94 -5.44
CA SER A 130 13.13 17.94 -5.46
C SER A 130 14.22 18.34 -4.46
N LEU A 131 14.24 17.72 -3.28
CA LEU A 131 15.27 18.05 -2.30
C LEU A 131 16.65 17.69 -2.81
N VAL A 132 16.79 16.55 -3.47
CA VAL A 132 18.10 16.15 -4.00
C VAL A 132 18.59 17.15 -5.03
N LYS A 133 17.73 17.54 -5.97
CA LYS A 133 18.11 18.53 -6.97
C LYS A 133 18.52 19.85 -6.32
N GLU A 134 17.71 20.32 -5.36
CA GLU A 134 18.00 21.61 -4.72
C GLU A 134 19.34 21.57 -4.01
N VAL A 135 19.63 20.48 -3.30
CA VAL A 135 20.92 20.35 -2.62
C VAL A 135 22.06 20.31 -3.63
N ALA A 136 21.91 19.54 -4.70
CA ALA A 136 22.98 19.41 -5.69
C ALA A 136 23.21 20.73 -6.43
N ARG A 137 22.12 21.44 -6.74
CA ARG A 137 22.24 22.72 -7.41
C ARG A 137 23.00 23.74 -6.58
N HIS A 138 22.94 23.62 -5.26
CA HIS A 138 23.59 24.53 -4.34
C HIS A 138 24.85 23.94 -3.71
N GLN A 139 25.49 23.00 -4.43
CA GLN A 139 26.82 22.50 -4.13
C GLN A 139 26.88 21.54 -2.94
N GLY A 140 25.77 20.85 -2.66
CA GLY A 140 25.74 19.77 -1.69
C GLY A 140 25.95 18.38 -2.27
N ASP A 141 26.43 17.47 -1.42
CA ASP A 141 26.78 16.10 -1.83
C ASP A 141 25.52 15.22 -1.80
N VAL A 142 25.11 14.71 -2.95
CA VAL A 142 23.94 13.84 -3.04
C VAL A 142 24.31 12.46 -3.60
N THR A 143 25.59 12.12 -3.63
CA THR A 143 26.03 10.82 -4.14
C THR A 143 25.28 9.65 -3.51
N HIS A 144 24.99 9.75 -2.21
CA HIS A 144 24.44 8.62 -1.48
C HIS A 144 23.01 8.30 -1.91
N PHE A 145 22.31 9.24 -2.55
CA PHE A 145 20.89 9.12 -2.81
C PHE A 145 20.57 8.71 -4.23
N LEU A 146 21.59 8.53 -5.08
CA LEU A 146 21.36 8.32 -6.49
C LEU A 146 22.11 7.11 -7.00
N PRO A 147 21.55 6.40 -7.99
CA PRO A 147 22.35 5.39 -8.70
C PRO A 147 23.54 6.06 -9.36
N GLU A 148 24.60 5.29 -9.57
CA GLU A 148 25.85 5.86 -10.06
C GLU A 148 25.66 6.57 -11.39
N ASN A 149 24.89 5.96 -12.31
CA ASN A 149 24.69 6.59 -13.61
C ASN A 149 23.97 7.91 -13.48
N VAL A 150 23.03 8.02 -12.53
CA VAL A 150 22.30 9.26 -12.31
C VAL A 150 23.23 10.31 -11.71
N HIS A 151 24.07 9.90 -10.75
CA HIS A 151 25.06 10.81 -10.17
C HIS A 151 25.96 11.42 -11.24
N GLN A 152 26.43 10.59 -12.17
CA GLN A 152 27.30 11.09 -13.23
CA GLN A 152 27.29 11.08 -13.24
C GLN A 152 26.54 12.04 -14.16
N ALA A 153 25.31 11.71 -14.51
CA ALA A 153 24.53 12.59 -15.38
C ALA A 153 24.18 13.89 -14.68
N LEU A 154 23.91 13.84 -13.38
CA LEU A 154 23.58 15.05 -12.63
C LEU A 154 24.78 16.00 -12.55
N MET A 155 25.97 15.49 -12.26
CA MET A 155 27.16 16.33 -12.26
C MET A 155 27.37 17.00 -13.60
N ALA A 156 27.25 16.22 -14.69
CA ALA A 156 27.38 16.80 -16.02
C ALA A 156 26.34 17.89 -16.26
N LYS A 157 25.10 17.64 -15.84
CA LYS A 157 24.03 18.61 -16.02
C LYS A 157 24.31 19.90 -15.27
N LEU A 158 24.81 19.81 -14.03
CA LEU A 158 25.06 21.00 -13.23
C LEU A 158 26.32 21.73 -13.64
N ALA A 159 27.22 21.08 -14.37
CA ALA A 159 28.46 21.73 -14.79
C ALA A 159 28.18 22.76 -15.89
N VAL A 160 27.25 22.45 -16.79
CA VAL A 160 26.87 23.37 -17.85
C VAL A 160 25.45 23.88 -17.60
N GLN B 2 1.37 -18.97 -6.68
CA GLN B 2 0.37 -18.56 -5.69
C GLN B 2 0.92 -17.48 -4.78
N LYS B 3 0.44 -16.25 -4.96
CA LYS B 3 0.82 -15.15 -4.07
C LYS B 3 -0.11 -15.19 -2.87
N ARG B 4 0.48 -15.19 -1.68
CA ARG B 4 -0.27 -15.25 -0.42
C ARG B 4 -0.10 -13.97 0.38
N ALA B 5 -1.21 -13.35 0.75
CA ALA B 5 -1.21 -12.12 1.53
C ALA B 5 -1.94 -12.34 2.85
N ILE B 6 -1.47 -11.65 3.88
CA ILE B 6 -2.10 -11.69 5.20
C ILE B 6 -2.64 -10.30 5.51
N TYR B 7 -3.85 -10.26 6.06
CA TYR B 7 -4.54 -9.04 6.47
C TYR B 7 -4.79 -9.17 7.96
N PRO B 8 -3.86 -8.76 8.81
CA PRO B 8 -4.02 -8.92 10.25
C PRO B 8 -4.69 -7.71 10.89
N GLY B 9 -5.34 -7.98 12.01
CA GLY B 9 -6.01 -6.92 12.75
C GLY B 9 -6.77 -7.52 13.90
N THR B 10 -7.30 -6.63 14.74
CA THR B 10 -8.05 -7.07 15.90
C THR B 10 -9.50 -7.40 15.52
N PHE B 11 -10.07 -6.69 14.57
CA PHE B 11 -11.39 -6.98 13.99
C PHE B 11 -12.43 -7.22 15.09
N ASP B 12 -12.65 -6.20 15.90
CA ASP B 12 -13.47 -6.29 17.11
C ASP B 12 -14.57 -5.25 17.12
N PRO B 13 -15.65 -5.47 16.34
CA PRO B 13 -15.82 -6.54 15.36
C PRO B 13 -15.41 -6.09 13.97
N ILE B 14 -15.46 -7.03 13.01
CA ILE B 14 -15.15 -6.71 11.63
C ILE B 14 -16.25 -5.80 11.07
N THR B 15 -15.85 -4.74 10.37
CA THR B 15 -16.77 -3.74 9.83
C THR B 15 -16.79 -3.81 8.31
N ASN B 16 -17.70 -3.03 7.72
CA ASN B 16 -17.75 -2.93 6.27
C ASN B 16 -16.47 -2.32 5.71
N GLY B 17 -15.77 -1.53 6.51
CA GLY B 17 -14.47 -1.03 6.08
C GLY B 17 -13.46 -2.16 5.92
N HIS B 18 -13.43 -3.08 6.89
CA HIS B 18 -12.57 -4.25 6.76
C HIS B 18 -12.98 -5.12 5.58
N ILE B 19 -14.29 -5.29 5.36
CA ILE B 19 -14.75 -6.09 4.22
C ILE B 19 -14.29 -5.44 2.92
N ASP B 20 -14.33 -4.11 2.86
CA ASP B 20 -13.84 -3.38 1.69
CA ASP B 20 -13.86 -3.42 1.67
C ASP B 20 -12.38 -3.70 1.42
N ILE B 21 -11.54 -3.61 2.45
CA ILE B 21 -10.10 -3.82 2.28
C ILE B 21 -9.82 -5.25 1.85
N VAL B 22 -10.42 -6.22 2.54
CA VAL B 22 -10.11 -7.62 2.21
C VAL B 22 -10.62 -7.96 0.82
N THR B 23 -11.74 -7.37 0.39
CA THR B 23 -12.22 -7.59 -0.97
C THR B 23 -11.21 -7.07 -2.00
N ARG B 24 -10.71 -5.86 -1.79
CA ARG B 24 -9.67 -5.33 -2.66
C ARG B 24 -8.45 -6.25 -2.68
N ALA B 25 -8.07 -6.77 -1.52
CA ALA B 25 -6.93 -7.68 -1.44
C ALA B 25 -7.15 -8.93 -2.28
N THR B 26 -8.37 -9.50 -2.25
CA THR B 26 -8.63 -10.72 -3.01
C THR B 26 -8.65 -10.48 -4.51
N GLN B 27 -8.84 -9.24 -4.95
CA GLN B 27 -8.81 -8.95 -6.37
C GLN B 27 -7.37 -8.79 -6.86
N MET B 28 -6.42 -8.71 -5.94
CA MET B 28 -5.02 -8.47 -6.22
C MET B 28 -4.14 -9.68 -5.99
N PHE B 29 -4.45 -10.51 -5.00
CA PHE B 29 -3.63 -11.63 -4.60
C PHE B 29 -4.43 -12.92 -4.61
N ASP B 30 -3.73 -14.03 -4.86
CA ASP B 30 -4.38 -15.31 -5.10
C ASP B 30 -5.08 -15.83 -3.85
N HIS B 31 -4.47 -15.64 -2.69
CA HIS B 31 -5.02 -16.15 -1.43
C HIS B 31 -4.78 -15.12 -0.35
N VAL B 32 -5.82 -14.80 0.41
CA VAL B 32 -5.74 -13.81 1.47
C VAL B 32 -6.11 -14.46 2.79
N ILE B 33 -5.20 -14.39 3.75
CA ILE B 33 -5.46 -14.83 5.11
C ILE B 33 -5.91 -13.63 5.94
N LEU B 34 -7.17 -13.63 6.35
CA LEU B 34 -7.66 -12.64 7.31
C LEU B 34 -7.30 -13.16 8.70
N ALA B 35 -6.32 -12.52 9.33
CA ALA B 35 -5.70 -13.01 10.56
C ALA B 35 -6.14 -12.14 11.72
N ILE B 36 -6.84 -12.75 12.69
CA ILE B 36 -7.40 -12.00 13.81
C ILE B 36 -6.50 -12.18 15.03
N ALA B 37 -5.91 -11.08 15.48
CA ALA B 37 -5.03 -11.07 16.64
C ALA B 37 -5.86 -11.15 17.92
N ALA B 38 -5.39 -11.96 18.88
CA ALA B 38 -6.11 -12.07 20.15
C ALA B 38 -6.20 -10.72 20.85
N SER B 39 -5.14 -9.92 20.77
CA SER B 39 -5.09 -8.57 21.33
C SER B 39 -5.67 -8.42 22.73
N PRO B 40 -5.19 -9.20 23.72
CA PRO B 40 -5.73 -9.06 25.07
C PRO B 40 -5.51 -7.67 25.67
N SER B 41 -4.41 -7.00 25.33
CA SER B 41 -4.16 -5.66 25.86
C SER B 41 -5.24 -4.66 25.49
N LYS B 42 -6.00 -4.93 24.43
CA LYS B 42 -7.06 -4.03 23.99
C LYS B 42 -8.39 -4.30 24.67
N LYS B 43 -8.45 -5.30 25.54
CA LYS B 43 -9.69 -5.73 26.17
C LYS B 43 -10.85 -5.83 25.16
N PRO B 44 -10.75 -6.74 24.19
CA PRO B 44 -11.74 -6.75 23.09
C PRO B 44 -13.15 -7.12 23.59
N MET B 45 -14.15 -6.50 22.96
CA MET B 45 -15.54 -6.77 23.29
C MET B 45 -15.91 -8.22 22.99
N PHE B 46 -15.42 -8.76 21.86
CA PHE B 46 -15.71 -10.14 21.46
C PHE B 46 -14.48 -11.01 21.68
N THR B 47 -14.71 -12.27 22.08
CA THR B 47 -13.61 -13.20 22.22
C THR B 47 -13.00 -13.43 20.84
N LEU B 48 -11.77 -13.96 20.84
CA LEU B 48 -11.15 -14.34 19.58
C LEU B 48 -12.02 -15.32 18.81
N GLU B 49 -12.60 -16.31 19.50
CA GLU B 49 -13.45 -17.27 18.83
CA GLU B 49 -13.44 -17.28 18.81
C GLU B 49 -14.66 -16.59 18.21
N GLU B 50 -15.25 -15.63 18.93
CA GLU B 50 -16.41 -14.93 18.38
C GLU B 50 -16.02 -14.11 17.16
N ARG B 51 -14.87 -13.45 17.21
CA ARG B 51 -14.44 -12.59 16.12
C ARG B 51 -14.07 -13.41 14.88
N VAL B 52 -13.49 -14.60 15.06
CA VAL B 52 -13.21 -15.48 13.93
C VAL B 52 -14.50 -15.93 13.28
N ALA B 53 -15.48 -16.36 14.09
CA ALA B 53 -16.75 -16.82 13.54
C ALA B 53 -17.46 -15.70 12.81
N LEU B 54 -17.45 -14.49 13.35
CA LEU B 54 -18.11 -13.37 12.69
C LEU B 54 -17.43 -13.05 11.36
N ALA B 55 -16.10 -13.08 11.32
CA ALA B 55 -15.38 -12.78 10.10
C ALA B 55 -15.54 -13.89 9.07
N GLN B 56 -15.60 -15.15 9.52
CA GLN B 56 -15.81 -16.26 8.58
C GLN B 56 -17.14 -16.10 7.88
N GLN B 57 -18.20 -15.82 8.64
CA GLN B 57 -19.52 -15.61 8.05
C GLN B 57 -19.53 -14.41 7.13
N ALA B 58 -18.91 -13.31 7.55
CA ALA B 58 -18.95 -12.08 6.77
C ALA B 58 -18.11 -12.14 5.50
N THR B 59 -17.18 -13.08 5.39
CA THR B 59 -16.35 -13.22 4.20
C THR B 59 -16.60 -14.51 3.42
N ALA B 60 -17.62 -15.30 3.81
CA ALA B 60 -17.89 -16.58 3.15
C ALA B 60 -18.08 -16.43 1.65
N HIS B 61 -18.59 -15.29 1.19
CA HIS B 61 -18.81 -15.05 -0.22
C HIS B 61 -17.51 -14.84 -1.00
N LEU B 62 -16.38 -14.66 -0.32
CA LEU B 62 -15.10 -14.44 -0.97
C LEU B 62 -14.35 -15.77 -0.93
N GLY B 63 -14.14 -16.38 -2.11
CA GLY B 63 -13.67 -17.75 -2.14
C GLY B 63 -12.22 -17.92 -1.74
N ASN B 64 -11.40 -16.88 -1.87
CA ASN B 64 -9.98 -16.97 -1.59
C ASN B 64 -9.60 -16.25 -0.30
N VAL B 65 -10.52 -16.15 0.65
CA VAL B 65 -10.25 -15.63 1.99
C VAL B 65 -10.25 -16.80 2.96
N GLU B 66 -9.24 -16.86 3.82
CA GLU B 66 -9.14 -17.81 4.91
C GLU B 66 -9.03 -17.04 6.21
N VAL B 67 -9.98 -17.24 7.12
CA VAL B 67 -10.00 -16.55 8.42
C VAL B 67 -9.36 -17.43 9.48
N VAL B 68 -8.35 -16.89 10.15
CA VAL B 68 -7.61 -17.60 11.20
CA VAL B 68 -7.64 -17.61 11.21
C VAL B 68 -7.37 -16.64 12.35
N GLY B 69 -7.39 -17.17 13.57
CA GLY B 69 -7.02 -16.41 14.75
C GLY B 69 -5.58 -16.71 15.11
N PHE B 70 -4.94 -15.75 15.79
CA PHE B 70 -3.58 -15.97 16.24
C PHE B 70 -3.27 -15.13 17.46
N SER B 71 -2.34 -15.65 18.27
CA SER B 71 -1.83 -14.97 19.44
C SER B 71 -0.32 -14.83 19.34
N ASP B 72 0.28 -15.33 18.26
CA ASP B 72 1.69 -15.22 18.01
C ASP B 72 2.08 -13.78 17.71
N LEU B 73 3.39 -13.55 17.66
CA LEU B 73 3.93 -12.41 16.93
C LEU B 73 3.39 -12.45 15.52
N MET B 74 2.83 -11.33 15.06
CA MET B 74 2.25 -11.31 13.73
C MET B 74 3.24 -11.74 12.66
N ALA B 75 4.48 -11.23 12.74
CA ALA B 75 5.48 -11.57 11.73
C ALA B 75 5.77 -13.06 11.69
N ASN B 76 5.84 -13.70 12.86
CA ASN B 76 6.02 -15.16 12.90
C ASN B 76 4.83 -15.87 12.29
N PHE B 77 3.62 -15.40 12.58
CA PHE B 77 2.42 -16.01 12.02
C PHE B 77 2.41 -15.85 10.51
N ALA B 78 2.83 -14.69 10.01
CA ALA B 78 2.90 -14.46 8.57
C ALA B 78 3.89 -15.41 7.90
N ARG B 79 5.09 -15.54 8.48
CA ARG B 79 6.06 -16.49 7.94
C ARG B 79 5.48 -17.90 7.93
N ASN B 80 4.79 -18.28 9.00
CA ASN B 80 4.25 -19.62 9.13
C ASN B 80 3.05 -19.85 8.22
N GLN B 81 2.42 -18.78 7.74
CA GLN B 81 1.37 -18.87 6.74
C GLN B 81 1.92 -18.76 5.32
N HIS B 82 3.23 -18.66 5.18
CA HIS B 82 3.90 -18.49 3.89
C HIS B 82 3.37 -17.26 3.14
N ALA B 83 3.09 -16.20 3.89
CA ALA B 83 2.68 -14.94 3.30
C ALA B 83 3.90 -14.11 2.95
N THR B 84 3.83 -13.41 1.82
CA THR B 84 4.86 -12.47 1.42
C THR B 84 4.33 -11.06 1.26
N VAL B 85 3.03 -10.85 1.50
CA VAL B 85 2.40 -9.54 1.42
C VAL B 85 1.61 -9.33 2.70
N LEU B 86 1.75 -8.14 3.29
CA LEU B 86 1.05 -7.76 4.52
C LEU B 86 0.13 -6.59 4.21
N ILE B 87 -1.18 -6.86 4.23
CA ILE B 87 -2.21 -5.87 3.92
C ILE B 87 -2.57 -5.05 5.16
N ARG B 88 -2.54 -3.74 5.02
CA ARG B 88 -3.11 -2.83 6.02
C ARG B 88 -3.96 -1.78 5.31
N GLY B 89 -5.09 -1.42 5.93
CA GLY B 89 -5.93 -0.37 5.38
C GLY B 89 -5.50 0.97 5.94
N LEU B 90 -5.48 1.98 5.05
CA LEU B 90 -5.06 3.32 5.44
C LEU B 90 -6.26 4.25 5.35
N ARG B 91 -6.75 4.67 6.51
CA ARG B 91 -7.95 5.50 6.62
C ARG B 91 -7.61 6.98 6.77
N ALA B 92 -6.92 7.34 7.85
CA ALA B 92 -6.69 8.74 8.18
C ALA B 92 -5.21 9.03 8.38
N VAL B 93 -4.91 10.33 8.48
CA VAL B 93 -3.53 10.78 8.66
C VAL B 93 -2.96 10.23 9.96
N ALA B 94 -3.80 10.15 11.01
CA ALA B 94 -3.28 9.83 12.34
C ALA B 94 -2.74 8.40 12.44
N ASP B 95 -3.44 7.41 11.89
CA ASP B 95 -2.93 6.03 11.95
C ASP B 95 -1.79 5.78 10.99
N PHE B 96 -1.69 6.58 9.93
CA PHE B 96 -0.57 6.43 9.00
C PHE B 96 0.75 6.35 9.73
N GLU B 97 0.95 7.20 10.73
CA GLU B 97 2.21 7.20 11.48
C GLU B 97 2.41 5.88 12.24
N TYR B 98 1.37 5.42 12.94
CA TYR B 98 1.48 4.15 13.64
C TYR B 98 1.71 3.01 12.67
N GLU B 99 1.03 3.06 11.51
CA GLU B 99 1.19 2.02 10.50
C GLU B 99 2.63 1.93 10.02
N MET B 100 3.31 3.08 9.89
CA MET B 100 4.71 3.07 9.46
C MET B 100 5.61 2.45 10.53
N GLN B 101 5.36 2.78 11.81
CA GLN B 101 6.09 2.13 12.89
CA GLN B 101 6.11 2.13 12.88
C GLN B 101 5.96 0.62 12.82
N LEU B 102 4.71 0.14 12.76
CA LEU B 102 4.47 -1.30 12.67
CA LEU B 102 4.46 -1.30 12.68
C LEU B 102 5.16 -1.91 11.47
N ALA B 103 5.05 -1.24 10.31
CA ALA B 103 5.60 -1.81 9.09
C ALA B 103 7.13 -1.85 9.13
N HIS B 104 7.77 -0.82 9.66
CA HIS B 104 9.22 -0.86 9.78
C HIS B 104 9.67 -1.91 10.79
N MET B 105 8.92 -2.08 11.88
CA MET B 105 9.22 -3.15 12.82
C MET B 105 9.03 -4.52 12.17
N ASN B 106 7.91 -4.71 11.47
CA ASN B 106 7.65 -5.99 10.81
C ASN B 106 8.70 -6.28 9.74
N ARG B 107 9.20 -5.24 9.08
CA ARG B 107 10.25 -5.45 8.09
C ARG B 107 11.55 -5.86 8.78
N HIS B 108 11.78 -5.40 10.01
CA HIS B 108 12.96 -5.86 10.75
CA HIS B 108 12.96 -5.86 10.75
C HIS B 108 12.81 -7.31 11.16
N LEU B 109 11.58 -7.71 11.52
CA LEU B 109 11.30 -9.07 11.96
C LEU B 109 11.25 -10.04 10.78
N MET B 110 10.76 -9.58 9.63
CA MET B 110 10.58 -10.45 8.47
C MET B 110 10.71 -9.60 7.21
N PRO B 111 11.94 -9.40 6.72
CA PRO B 111 12.14 -8.49 5.58
C PRO B 111 11.47 -8.93 4.29
N GLU B 112 11.18 -10.21 4.10
CA GLU B 112 10.54 -10.65 2.87
C GLU B 112 9.02 -10.50 2.89
N LEU B 113 8.45 -10.07 4.01
CA LEU B 113 7.03 -9.76 4.09
C LEU B 113 6.87 -8.29 3.76
N GLU B 114 6.26 -8.00 2.61
CA GLU B 114 6.19 -6.64 2.12
C GLU B 114 4.86 -6.04 2.54
N SER B 115 4.91 -4.96 3.30
CA SER B 115 3.70 -4.27 3.71
C SER B 115 3.13 -3.50 2.53
N VAL B 116 1.81 -3.60 2.36
CA VAL B 116 1.10 -2.83 1.34
C VAL B 116 -0.12 -2.22 1.98
N PHE B 117 -0.39 -0.97 1.65
CA PHE B 117 -1.50 -0.24 2.21
C PHE B 117 -2.52 0.00 1.13
N LEU B 118 -3.77 -0.33 1.44
CA LEU B 118 -4.90 -0.10 0.56
C LEU B 118 -5.78 0.96 1.17
N MET B 119 -6.50 1.68 0.32
CA MET B 119 -7.34 2.78 0.74
CA MET B 119 -7.34 2.77 0.77
C MET B 119 -8.80 2.38 0.65
N PRO B 120 -9.58 2.46 1.73
CA PRO B 120 -10.98 2.04 1.63
C PRO B 120 -11.77 3.04 0.82
N SER B 121 -13.00 2.68 0.47
CA SER B 121 -13.90 3.58 -0.22
C SER B 121 -14.23 4.76 0.68
N LYS B 122 -14.63 5.87 0.07
CA LYS B 122 -15.02 7.05 0.82
C LYS B 122 -16.10 6.72 1.84
N GLU B 123 -16.97 5.76 1.51
CA GLU B 123 -18.06 5.35 2.39
C GLU B 123 -17.57 4.96 3.78
N TRP B 124 -16.42 4.29 3.87
CA TRP B 124 -15.94 3.75 5.13
C TRP B 124 -14.70 4.46 5.64
N SER B 125 -14.32 5.59 5.06
CA SER B 125 -13.09 6.29 5.41
CA SER B 125 -13.07 6.26 5.43
C SER B 125 -13.17 7.03 6.73
N PHE B 126 -14.33 7.02 7.40
CA PHE B 126 -14.48 7.76 8.66
C PHE B 126 -15.02 6.89 9.79
N ILE B 127 -15.02 5.56 9.63
CA ILE B 127 -15.50 4.68 10.68
C ILE B 127 -14.36 3.82 11.21
N SER B 128 -14.64 3.13 12.30
CA SER B 128 -13.69 2.25 12.97
C SER B 128 -14.51 1.34 13.87
N SER B 129 -13.92 0.20 14.23
CA SER B 129 -14.57 -0.69 15.17
C SER B 129 -14.93 0.05 16.46
N SER B 130 -14.01 0.88 16.94
CA SER B 130 -14.25 1.61 18.19
CA SER B 130 -14.25 1.61 18.19
C SER B 130 -15.44 2.56 18.06
N LEU B 131 -15.51 3.30 16.94
CA LEU B 131 -16.60 4.26 16.78
C LEU B 131 -17.95 3.56 16.65
N VAL B 132 -18.01 2.47 15.91
CA VAL B 132 -19.26 1.74 15.75
C VAL B 132 -19.72 1.19 17.10
N LYS B 133 -18.78 0.62 17.86
CA LYS B 133 -19.10 0.14 19.20
C LYS B 133 -19.64 1.26 20.08
N GLU B 134 -19.00 2.43 20.03
CA GLU B 134 -19.43 3.56 20.85
C GLU B 134 -20.86 3.98 20.51
N VAL B 135 -21.19 4.06 19.23
CA VAL B 135 -22.55 4.40 18.82
C VAL B 135 -23.53 3.34 19.31
N ALA B 136 -23.16 2.06 19.12
CA ALA B 136 -24.05 0.97 19.49
C ALA B 136 -24.26 0.89 21.00
N ARG B 137 -23.23 1.24 21.80
CA ARG B 137 -23.40 1.24 23.25
C ARG B 137 -24.51 2.20 23.67
N HIS B 138 -24.74 3.24 22.87
CA HIS B 138 -25.81 4.19 23.12
C HIS B 138 -27.01 3.98 22.21
N GLN B 139 -27.12 2.79 21.62
CA GLN B 139 -28.29 2.33 20.89
C GLN B 139 -28.50 3.08 19.58
N GLY B 140 -27.45 3.68 19.03
CA GLY B 140 -27.58 4.30 17.74
C GLY B 140 -27.49 3.28 16.63
N ASP B 141 -28.05 3.63 15.48
CA ASP B 141 -28.22 2.69 14.40
C ASP B 141 -26.91 2.54 13.64
N VAL B 142 -26.33 1.34 13.68
CA VAL B 142 -25.08 1.04 13.00
C VAL B 142 -25.26 -0.03 11.95
N THR B 143 -26.50 -0.30 11.54
CA THR B 143 -26.76 -1.27 10.49
C THR B 143 -25.96 -0.99 9.23
N HIS B 144 -25.74 0.29 8.91
CA HIS B 144 -25.11 0.64 7.64
C HIS B 144 -23.62 0.28 7.61
N PHE B 145 -22.98 0.09 8.76
CA PHE B 145 -21.53 -0.04 8.83
C PHE B 145 -21.05 -1.47 9.05
N LEU B 146 -21.95 -2.42 9.23
CA LEU B 146 -21.57 -3.78 9.61
C LEU B 146 -22.24 -4.81 8.72
N PRO B 147 -21.57 -5.93 8.46
CA PRO B 147 -22.26 -7.06 7.84
C PRO B 147 -23.42 -7.50 8.72
N GLU B 148 -24.42 -8.10 8.08
CA GLU B 148 -25.67 -8.42 8.77
C GLU B 148 -25.42 -9.32 9.98
N ASN B 149 -24.60 -10.35 9.82
CA ASN B 149 -24.34 -11.26 10.93
C ASN B 149 -23.63 -10.54 12.07
N VAL B 150 -22.75 -9.60 11.73
CA VAL B 150 -22.03 -8.86 12.76
C VAL B 150 -22.96 -7.91 13.49
N HIS B 151 -23.84 -7.23 12.75
CA HIS B 151 -24.79 -6.34 13.40
C HIS B 151 -25.66 -7.09 14.41
N GLN B 152 -26.25 -8.21 13.98
CA GLN B 152 -27.02 -9.05 14.90
C GLN B 152 -26.20 -9.38 16.15
N ALA B 153 -24.97 -9.86 15.96
CA ALA B 153 -24.14 -10.27 17.09
C ALA B 153 -23.84 -9.08 18.00
N LEU B 154 -23.61 -7.90 17.42
CA LEU B 154 -23.35 -6.71 18.23
C LEU B 154 -24.60 -6.33 19.03
N MET B 155 -25.77 -6.36 18.39
CA MET B 155 -27.02 -6.09 19.11
C MET B 155 -27.20 -7.08 20.26
N ALA B 156 -27.02 -8.37 19.97
CA ALA B 156 -27.17 -9.41 21.00
C ALA B 156 -26.19 -9.22 22.15
N LYS B 157 -24.92 -8.95 21.83
CA LYS B 157 -23.90 -8.80 22.88
C LYS B 157 -24.24 -7.65 23.81
N LEU B 158 -24.71 -6.53 23.27
CA LEU B 158 -25.03 -5.36 24.07
C LEU B 158 -26.38 -5.48 24.78
N ALA B 159 -27.24 -6.40 24.36
CA ALA B 159 -28.56 -6.53 24.97
C ALA B 159 -28.48 -7.13 26.37
C1 CWG C . -0.51 13.26 -14.50
C1 CWG C . -1.98 13.17 -13.94
C2 CWG C . -1.64 13.24 -13.54
C2 CWG C . -0.95 13.13 -15.00
C3 CWG C . -0.77 13.85 -15.74
C3 CWG C . -2.38 14.35 -13.27
C11 CWG C . -3.01 14.36 -11.86
C11 CWG C . -0.18 13.68 -17.24
C12 CWG C . 1.47 13.39 -16.39
C12 CWG C . -3.90 12.97 -12.00
C13 CWG C . -0.03 14.58 -18.09
C13 CWG C . -3.93 15.40 -11.46
C14 CWG C . -3.82 13.23 -11.78
C14 CWG C . 1.02 13.01 -16.98
C17 CWG C . 2.47 12.39 -18.32
C17 CWG C . -5.88 11.84 -11.23
C10 CWG C . -3.54 12.12 -12.57
C10 CWG C . 1.25 12.41 -15.75
C5 CWG C . -2.46 12.11 -13.46
C5 CWG C . 0.26 12.47 -14.76
C6 CWG C . -1.92 14.36 -12.75
C6 CWG C . -1.17 13.73 -16.26
C7 CWG C . 0.23 13.92 -16.71
C7 CWG C . -3.37 14.23 -12.28
C8 CWG C . -2.17 14.40 -15.98
C8 CWG C . -1.71 15.68 -13.65
N4 CWG C . 0.71 12.75 -14.24
N4 CWG C . -2.54 11.98 -13.63
N9 CWG C . 1.67 12.82 -15.18
N9 CWG C . -3.48 11.89 -12.68
O15 CWG C . 2.49 13.44 -17.34
O15 CWG C . -4.89 12.87 -11.03
CL1 CWG C . -5.19 13.15 -10.69
CL1 CWG C . 2.26 12.94 -18.22
S SO4 D . 9.63 12.11 -5.36
O1 SO4 D . 9.00 12.08 -4.04
O2 SO4 D . 11.06 11.80 -5.22
O3 SO4 D . 9.02 11.12 -6.22
O4 SO4 D . 9.49 13.43 -5.96
S SO4 E . 13.94 -0.63 6.36
O1 SO4 E . 14.72 0.48 6.91
O2 SO4 E . 13.88 -1.71 7.33
O3 SO4 E . 12.60 -0.17 6.05
O4 SO4 E . 14.59 -1.12 5.15
S DMS F . 6.29 -12.62 -7.99
O DMS F . 5.82 -12.40 -6.58
C1 DMS F . 5.08 -11.89 -9.12
C2 DMS F . 7.70 -11.55 -8.34
S SO4 G . -1.14 -7.97 23.02
O1 SO4 G . -2.48 -7.42 23.25
O2 SO4 G . -0.61 -8.51 24.27
O3 SO4 G . -1.22 -9.02 22.03
O4 SO4 G . -0.27 -6.91 22.54
S SO4 H . -10.34 -0.43 13.02
O1 SO4 H . -9.48 0.73 12.95
O2 SO4 H . -10.60 -0.82 14.40
O3 SO4 H . -11.56 -0.18 12.31
O4 SO4 H . -9.64 -1.51 12.35
S SO4 I . -14.64 5.34 -3.57
O1 SO4 I . -15.47 6.22 -2.76
O2 SO4 I . -13.29 5.27 -2.99
O3 SO4 I . -15.22 4.00 -3.58
O4 SO4 I . -14.55 5.86 -4.93
S SO4 J . -5.23 -3.44 14.85
O1 SO4 J . -5.13 -2.04 14.51
O2 SO4 J . -5.29 -3.63 16.29
O3 SO4 J . -6.48 -3.93 14.30
O4 SO4 J . -4.14 -4.22 14.27
S SO4 K . -21.26 9.32 19.02
O1 SO4 K . -21.29 10.54 19.81
O2 SO4 K . -20.14 8.48 19.45
O3 SO4 K . -22.51 8.59 19.18
O4 SO4 K . -21.10 9.65 17.60
K K L . -8.94 -3.76 13.57
K K M . -9.57 0.55 6.81
#